data_1O08
#
_entry.id   1O08
#
_cell.length_a   36.939
_cell.length_b   54.297
_cell.length_c   104.680
_cell.angle_alpha   90.00
_cell.angle_beta   90.00
_cell.angle_gamma   90.00
#
_symmetry.space_group_name_H-M   'P 21 21 21'
#
loop_
_entity.id
_entity.type
_entity.pdbx_description
1 polymer beta-phosphoglucomutase
2 non-polymer 1,6-di-O-phosphono-alpha-D-glucopyranose
3 non-polymer 'MAGNESIUM ION'
4 water water
#
_entity_poly.entity_id   1
_entity_poly.type   'polypeptide(L)'
_entity_poly.pdbx_seq_one_letter_code
;MFKAVLFDLDGVITDTAEYHFRAWKALAEEIGINGVDRQFNEQLKGVSREDSLQKILDLADKKVSAEEFKELAKRKNDNY
VKMIQDVSPADVYPGILQLLKDLRSNKIKIALASASKNGPFLLERMNLTGYFDAIADPAEVAASKPAPDIFIAAAHAVGV
APSESIGLEDSQAGIQAIKDSGALPIGVGRPEDLGDDIVIVPDTSHYTLEFLKEVWLQKQK
;
_entity_poly.pdbx_strand_id   A
#
loop_
_chem_comp.id
_chem_comp.type
_chem_comp.name
_chem_comp.formula
G16 D-saccharide 1,6-di-O-phosphono-alpha-D-glucopyranose 'C6 H13 O12 P2 -1'
MG non-polymer 'MAGNESIUM ION' 'Mg 2'
#
# COMPACT_ATOMS: atom_id res chain seq x y z
N MET A 1 22.13 5.62 6.79
CA MET A 1 22.55 4.23 6.83
C MET A 1 21.51 3.16 6.63
N PHE A 2 20.27 3.49 6.24
CA PHE A 2 19.30 2.45 5.93
C PHE A 2 19.76 1.66 4.68
N LYS A 3 19.27 0.41 4.54
CA LYS A 3 19.72 -0.48 3.51
C LYS A 3 18.59 -0.97 2.58
N ALA A 4 17.35 -0.64 2.90
CA ALA A 4 16.23 -1.05 2.06
C ALA A 4 15.10 -0.04 2.18
N VAL A 5 14.33 0.06 1.10
CA VAL A 5 13.05 0.77 1.15
C VAL A 5 11.92 -0.17 0.74
N LEU A 6 10.86 -0.20 1.54
CA LEU A 6 9.78 -1.18 1.45
C LEU A 6 8.54 -0.43 1.01
N PHE A 7 8.15 -0.58 -0.25
CA PHE A 7 7.13 0.26 -0.85
C PHE A 7 5.75 -0.38 -0.77
N ASP A 8 4.77 0.34 -0.21
CA ASP A 8 3.39 0.08 -0.56
C ASP A 8 3.21 0.43 -2.05
N LEU A 9 2.18 -0.08 -2.68
CA LEU A 9 1.87 0.32 -4.06
C LEU A 9 0.76 1.36 -4.11
N ASP A 10 -0.44 0.95 -3.77
CA ASP A 10 -1.63 1.77 -4.03
C ASP A 10 -1.61 3.02 -3.19
N GLY A 11 -1.61 4.19 -3.79
CA GLY A 11 -1.54 5.48 -3.12
C GLY A 11 -0.11 5.91 -2.80
N VAL A 12 0.88 5.12 -3.21
CA VAL A 12 2.31 5.48 -3.01
C VAL A 12 3.01 5.54 -4.35
N ILE A 13 2.92 4.47 -5.11
CA ILE A 13 3.57 4.41 -6.42
C ILE A 13 2.69 5.05 -7.48
N THR A 14 1.37 4.92 -7.33
CA THR A 14 0.41 5.52 -8.26
C THR A 14 -0.93 5.67 -7.55
N ASP A 15 -1.86 6.30 -8.25
CA ASP A 15 -3.16 6.69 -7.69
C ASP A 15 -4.19 5.58 -7.71
N THR A 16 -3.76 4.32 -7.50
CA THR A 16 -4.75 3.25 -7.53
C THR A 16 -5.55 3.09 -6.25
N ALA A 17 -5.17 3.77 -5.17
CA ALA A 17 -6.05 3.82 -4.02
C ALA A 17 -7.39 4.42 -4.41
N GLU A 18 -7.38 5.39 -5.34
CA GLU A 18 -8.62 6.03 -5.79
C GLU A 18 -9.48 4.98 -6.48
N TYR A 19 -8.84 4.11 -7.26
CA TYR A 19 -9.63 3.10 -7.99
C TYR A 19 -10.15 2.04 -7.03
N HIS A 20 -9.40 1.62 -6.01
CA HIS A 20 -9.94 0.69 -5.02
C HIS A 20 -11.14 1.30 -4.32
N PHE A 21 -11.06 2.57 -3.95
CA PHE A 21 -12.18 3.28 -3.31
C PHE A 21 -13.40 3.27 -4.19
N ARG A 22 -13.23 3.70 -5.45
CA ARG A 22 -14.40 3.76 -6.37
C ARG A 22 -15.03 2.38 -6.52
N ALA A 23 -14.20 1.36 -6.63
CA ALA A 23 -14.72 0.00 -6.83
C ALA A 23 -15.40 -0.51 -5.56
N TRP A 24 -14.83 -0.27 -4.37
CA TRP A 24 -15.50 -0.71 -3.16
C TRP A 24 -16.79 0.04 -2.93
N LYS A 25 -16.80 1.33 -3.23
CA LYS A 25 -18.04 2.11 -3.06
C LYS A 25 -19.12 1.57 -3.96
N ALA A 26 -18.78 1.28 -5.22
CA ALA A 26 -19.79 0.75 -6.16
C ALA A 26 -20.34 -0.58 -5.66
N LEU A 27 -19.44 -1.46 -5.16
CA LEU A 27 -19.88 -2.75 -4.64
C LEU A 27 -20.86 -2.57 -3.50
N ALA A 28 -20.45 -1.75 -2.53
CA ALA A 28 -21.25 -1.50 -1.34
C ALA A 28 -22.62 -0.99 -1.75
N GLU A 29 -22.69 -0.01 -2.63
CA GLU A 29 -23.98 0.54 -3.02
C GLU A 29 -24.82 -0.50 -3.70
N GLU A 30 -24.23 -1.39 -4.47
CA GLU A 30 -24.99 -2.45 -5.12
C GLU A 30 -25.73 -3.30 -4.09
N ILE A 31 -25.15 -3.51 -2.92
CA ILE A 31 -25.79 -4.29 -1.83
C ILE A 31 -26.48 -3.41 -0.77
N GLY A 32 -26.76 -2.14 -1.13
CA GLY A 32 -27.54 -1.27 -0.30
C GLY A 32 -26.82 -0.70 0.91
N ILE A 33 -25.48 -0.71 0.88
CA ILE A 33 -24.65 -0.15 1.97
C ILE A 33 -24.07 1.18 1.44
N ASN A 34 -24.49 2.28 2.03
CA ASN A 34 -24.12 3.58 1.40
C ASN A 34 -23.05 4.28 2.23
N GLY A 35 -22.47 3.63 3.21
CA GLY A 35 -21.53 4.29 4.09
C GLY A 35 -20.10 4.37 3.61
N VAL A 36 -19.75 3.89 2.42
CA VAL A 36 -18.36 3.96 1.95
C VAL A 36 -18.13 5.31 1.27
N ASP A 37 -17.88 6.30 2.10
CA ASP A 37 -17.44 7.60 1.60
C ASP A 37 -15.95 7.75 1.87
N ARG A 38 -15.36 8.88 1.46
CA ARG A 38 -13.91 9.01 1.58
C ARG A 38 -13.42 8.87 3.02
N GLN A 39 -14.17 9.44 3.97
CA GLN A 39 -13.74 9.29 5.37
C GLN A 39 -13.74 7.82 5.79
N PHE A 40 -14.81 7.05 5.48
CA PHE A 40 -14.84 5.62 5.86
C PHE A 40 -13.72 4.87 5.16
N ASN A 41 -13.43 5.28 3.93
CA ASN A 41 -12.43 4.58 3.12
C ASN A 41 -11.06 4.66 3.75
N GLU A 42 -10.79 5.63 4.65
CA GLU A 42 -9.45 5.60 5.31
C GLU A 42 -9.29 4.33 6.13
N GLN A 43 -10.35 3.70 6.60
CA GLN A 43 -10.25 2.41 7.29
C GLN A 43 -10.08 1.22 6.36
N LEU A 44 -10.30 1.41 5.07
CA LEU A 44 -10.11 0.38 4.07
C LEU A 44 -8.73 0.44 3.39
N LYS A 45 -8.08 1.61 3.40
CA LYS A 45 -6.80 1.67 2.70
C LYS A 45 -5.81 0.69 3.33
N GLY A 46 -5.07 -0.06 2.48
CA GLY A 46 -4.09 -1.01 2.95
C GLY A 46 -4.62 -2.35 3.40
N VAL A 47 -5.93 -2.54 3.54
CA VAL A 47 -6.58 -3.73 4.07
C VAL A 47 -6.86 -4.72 2.96
N SER A 48 -6.74 -6.02 3.23
CA SER A 48 -6.88 -7.02 2.18
C SER A 48 -8.26 -6.99 1.54
N ARG A 49 -8.40 -7.71 0.42
CA ARG A 49 -9.68 -7.78 -0.26
C ARG A 49 -10.79 -8.26 0.67
N GLU A 50 -10.56 -9.42 1.32
CA GLU A 50 -11.62 -10.04 2.16
C GLU A 50 -11.83 -9.19 3.39
N ASP A 51 -10.76 -8.59 3.94
CA ASP A 51 -10.94 -7.80 5.15
C ASP A 51 -11.68 -6.53 4.82
N SER A 52 -11.45 -5.95 3.63
CA SER A 52 -12.18 -4.79 3.15
C SER A 52 -13.67 -5.09 3.04
N LEU A 53 -13.96 -6.23 2.35
CA LEU A 53 -15.39 -6.58 2.22
C LEU A 53 -16.03 -6.73 3.58
N GLN A 54 -15.32 -7.38 4.53
CA GLN A 54 -16.00 -7.60 5.81
C GLN A 54 -16.17 -6.29 6.56
N LYS A 55 -15.23 -5.33 6.46
CA LYS A 55 -15.41 -4.03 7.11
C LYS A 55 -16.65 -3.36 6.55
N ILE A 56 -16.92 -3.49 5.26
CA ILE A 56 -18.14 -2.90 4.63
C ILE A 56 -19.35 -3.67 5.12
N LEU A 57 -19.28 -5.01 5.15
CA LEU A 57 -20.46 -5.79 5.62
C LEU A 57 -20.74 -5.54 7.08
N ASP A 58 -19.75 -5.15 7.87
CA ASP A 58 -19.97 -4.80 9.28
C ASP A 58 -20.93 -3.63 9.43
N LEU A 59 -21.15 -2.83 8.39
CA LEU A 59 -22.08 -1.72 8.38
C LEU A 59 -23.53 -2.17 8.32
N ALA A 60 -23.76 -3.43 7.96
CA ALA A 60 -25.11 -3.96 7.83
C ALA A 60 -25.49 -4.84 9.02
N ASP A 61 -26.79 -4.91 9.31
CA ASP A 61 -27.26 -5.69 10.47
C ASP A 61 -27.33 -7.19 10.23
N LYS A 62 -27.59 -7.55 8.99
CA LYS A 62 -27.76 -8.92 8.55
C LYS A 62 -26.52 -9.48 7.91
N LYS A 63 -26.29 -10.77 7.88
CA LYS A 63 -25.13 -11.37 7.23
C LYS A 63 -25.46 -11.79 5.82
N VAL A 64 -24.47 -11.78 4.91
CA VAL A 64 -24.57 -12.41 3.60
C VAL A 64 -24.11 -13.88 3.74
N SER A 65 -24.50 -14.73 2.81
CA SER A 65 -24.07 -16.11 2.82
C SER A 65 -22.61 -16.21 2.42
N ALA A 66 -21.96 -17.32 2.76
CA ALA A 66 -20.58 -17.51 2.32
C ALA A 66 -20.46 -17.45 0.81
N GLU A 67 -21.43 -18.01 0.12
CA GLU A 67 -21.44 -17.95 -1.35
C GLU A 67 -21.51 -16.51 -1.83
N GLU A 68 -22.38 -15.69 -1.24
CA GLU A 68 -22.45 -14.28 -1.68
C GLU A 68 -21.16 -13.57 -1.32
N PHE A 69 -20.58 -13.81 -0.12
CA PHE A 69 -19.35 -13.16 0.25
C PHE A 69 -18.30 -13.37 -0.84
N LYS A 70 -18.08 -14.61 -1.24
CA LYS A 70 -17.11 -14.91 -2.30
C LYS A 70 -17.44 -14.21 -3.60
N GLU A 71 -18.70 -14.21 -3.98
CA GLU A 71 -19.10 -13.56 -5.22
C GLU A 71 -18.79 -12.08 -5.16
N LEU A 72 -19.07 -11.44 -4.04
CA LEU A 72 -18.91 -10.01 -3.91
C LEU A 72 -17.44 -9.61 -4.05
N ALA A 73 -16.55 -10.39 -3.40
CA ALA A 73 -15.13 -10.06 -3.49
C ALA A 73 -14.64 -10.18 -4.91
N LYS A 74 -15.08 -11.25 -5.60
CA LYS A 74 -14.71 -11.44 -6.98
C LYS A 74 -15.30 -10.35 -7.88
N ARG A 75 -16.51 -9.90 -7.63
CA ARG A 75 -17.18 -8.87 -8.41
C ARG A 75 -16.42 -7.58 -8.35
N LYS A 76 -16.07 -7.18 -7.12
CA LYS A 76 -15.23 -6.00 -6.94
C LYS A 76 -13.90 -6.14 -7.67
N ASN A 77 -13.25 -7.28 -7.52
CA ASN A 77 -11.93 -7.42 -8.14
C ASN A 77 -12.05 -7.36 -9.67
N ASP A 78 -13.06 -8.02 -10.25
CA ASP A 78 -13.19 -7.97 -11.70
C ASP A 78 -13.41 -6.54 -12.19
N ASN A 79 -14.14 -5.72 -11.45
CA ASN A 79 -14.36 -4.30 -11.81
C ASN A 79 -13.06 -3.54 -11.69
N TYR A 80 -12.38 -3.68 -10.56
CA TYR A 80 -11.10 -3.03 -10.35
C TYR A 80 -10.09 -3.39 -11.41
N VAL A 81 -9.97 -4.67 -11.78
CA VAL A 81 -9.04 -5.11 -12.80
C VAL A 81 -9.36 -4.46 -14.14
N LYS A 82 -10.63 -4.27 -14.51
CA LYS A 82 -10.97 -3.51 -15.70
C LYS A 82 -10.52 -2.06 -15.56
N MET A 83 -10.70 -1.44 -14.39
CA MET A 83 -10.37 -0.03 -14.21
C MET A 83 -8.87 0.20 -14.44
N ILE A 84 -8.04 -0.78 -14.11
CA ILE A 84 -6.59 -0.51 -14.17
C ILE A 84 -5.97 -0.95 -15.49
N GLN A 85 -6.70 -1.38 -16.51
CA GLN A 85 -6.02 -1.88 -17.72
C GLN A 85 -5.22 -0.81 -18.46
N ASP A 86 -5.62 0.45 -18.42
CA ASP A 86 -4.94 1.50 -19.15
C ASP A 86 -3.89 2.22 -18.30
N VAL A 87 -3.63 1.78 -17.06
CA VAL A 87 -2.53 2.39 -16.30
C VAL A 87 -1.25 2.31 -17.14
N SER A 88 -0.45 3.36 -17.11
CA SER A 88 0.76 3.42 -17.94
C SER A 88 1.90 4.06 -17.19
N PRO A 89 3.12 4.11 -17.76
CA PRO A 89 4.22 4.84 -17.08
C PRO A 89 3.89 6.28 -16.77
N ALA A 90 3.02 6.90 -17.57
CA ALA A 90 2.70 8.30 -17.29
C ALA A 90 1.94 8.45 -15.97
N ASP A 91 1.37 7.36 -15.45
CA ASP A 91 0.60 7.40 -14.18
C ASP A 91 1.46 7.20 -12.96
N VAL A 92 2.77 6.95 -13.10
CA VAL A 92 3.61 6.82 -11.88
C VAL A 92 3.52 8.15 -11.18
N TYR A 93 3.33 8.15 -9.84
CA TYR A 93 3.31 9.37 -9.07
C TYR A 93 4.64 10.13 -9.15
N PRO A 94 4.56 11.44 -8.99
CA PRO A 94 5.78 12.27 -9.00
C PRO A 94 6.81 11.80 -8.00
N GLY A 95 8.08 11.82 -8.41
CA GLY A 95 9.18 11.46 -7.55
C GLY A 95 9.50 9.98 -7.56
N ILE A 96 8.54 9.10 -7.88
CA ILE A 96 8.74 7.68 -7.59
C ILE A 96 9.77 7.10 -8.53
N LEU A 97 9.68 7.37 -9.84
CA LEU A 97 10.64 6.77 -10.78
C LEU A 97 12.05 7.17 -10.43
N GLN A 98 12.23 8.48 -10.14
CA GLN A 98 13.57 8.96 -9.84
C GLN A 98 14.05 8.37 -8.52
N LEU A 99 13.17 8.21 -7.54
CA LEU A 99 13.61 7.57 -6.29
C LEU A 99 14.11 6.17 -6.51
N LEU A 100 13.41 5.39 -7.33
CA LEU A 100 13.85 4.04 -7.63
C LEU A 100 15.23 4.04 -8.27
N LYS A 101 15.45 4.95 -9.23
CA LYS A 101 16.73 5.07 -9.89
C LYS A 101 17.82 5.45 -8.89
N ASP A 102 17.51 6.42 -8.01
CA ASP A 102 18.52 6.87 -7.04
C ASP A 102 18.81 5.78 -6.02
N LEU A 103 17.81 5.03 -5.55
CA LEU A 103 18.08 3.94 -4.63
C LEU A 103 18.99 2.91 -5.28
N ARG A 104 18.75 2.53 -6.53
CA ARG A 104 19.60 1.54 -7.19
C ARG A 104 21.03 2.05 -7.34
N SER A 105 21.18 3.32 -7.69
CA SER A 105 22.53 3.87 -7.84
C SER A 105 23.30 3.77 -6.52
N ASN A 106 22.58 3.98 -5.42
CA ASN A 106 23.16 3.96 -4.06
C ASN A 106 23.12 2.60 -3.40
N LYS A 107 22.85 1.55 -4.15
CA LYS A 107 22.85 0.16 -3.68
C LYS A 107 21.92 -0.07 -2.50
N ILE A 108 20.82 0.65 -2.53
CA ILE A 108 19.77 0.43 -1.50
C ILE A 108 18.70 -0.48 -2.08
N LYS A 109 18.37 -1.58 -1.38
CA LYS A 109 17.42 -2.54 -1.85
C LYS A 109 16.00 -1.95 -1.94
N ILE A 110 15.25 -2.47 -2.90
CA ILE A 110 13.88 -2.04 -3.17
C ILE A 110 12.96 -3.25 -3.13
N ALA A 111 11.94 -3.19 -2.28
CA ALA A 111 11.03 -4.34 -2.19
C ALA A 111 9.60 -3.86 -2.20
N LEU A 112 8.69 -4.63 -2.77
CA LEU A 112 7.27 -4.27 -2.67
C LEU A 112 6.60 -4.95 -1.45
N ALA A 113 5.89 -4.18 -0.68
CA ALA A 113 5.09 -4.66 0.47
C ALA A 113 3.64 -4.20 0.34
N SER A 114 3.06 -4.63 -0.78
CA SER A 114 1.66 -4.36 -1.09
C SER A 114 0.77 -5.51 -0.68
N ALA A 115 -0.40 -5.18 -0.12
CA ALA A 115 -1.39 -6.23 0.16
C ALA A 115 -2.10 -6.65 -1.12
N SER A 116 -1.87 -5.97 -2.26
CA SER A 116 -2.67 -6.24 -3.47
C SER A 116 -2.13 -7.38 -4.32
N LYS A 117 -3.03 -8.33 -4.66
CA LYS A 117 -2.66 -9.40 -5.56
C LYS A 117 -2.50 -8.89 -7.00
N ASN A 118 -2.96 -7.65 -7.22
CA ASN A 118 -2.76 -7.02 -8.53
C ASN A 118 -1.46 -6.22 -8.61
N GLY A 119 -0.66 -6.26 -7.54
CA GLY A 119 0.61 -5.53 -7.50
C GLY A 119 1.50 -5.80 -8.71
N PRO A 120 1.86 -7.06 -8.97
CA PRO A 120 2.78 -7.35 -10.08
C PRO A 120 2.27 -6.84 -11.40
N PHE A 121 0.99 -7.00 -11.70
CA PHE A 121 0.39 -6.51 -12.95
C PHE A 121 0.59 -5.01 -13.06
N LEU A 122 0.35 -4.26 -11.99
CA LEU A 122 0.49 -2.79 -11.99
C LEU A 122 1.93 -2.37 -12.16
N LEU A 123 2.89 -3.02 -11.51
CA LEU A 123 4.28 -2.65 -11.78
C LEU A 123 4.63 -2.87 -13.24
N GLU A 124 4.12 -3.93 -13.86
CA GLU A 124 4.39 -4.13 -15.29
C GLU A 124 3.75 -3.03 -16.12
N ARG A 125 2.52 -2.63 -15.82
CA ARG A 125 1.81 -1.57 -16.52
C ARG A 125 2.68 -0.30 -16.56
N MET A 126 3.30 -0.02 -15.41
CA MET A 126 4.08 1.20 -15.24
C MET A 126 5.55 1.09 -15.61
N ASN A 127 5.96 -0.05 -16.19
CA ASN A 127 7.37 -0.24 -16.51
C ASN A 127 8.28 -0.02 -15.30
N LEU A 128 7.84 -0.60 -14.14
CA LEU A 128 8.60 -0.49 -12.90
C LEU A 128 9.14 -1.83 -12.43
N THR A 129 8.74 -2.94 -12.98
CA THR A 129 9.12 -4.26 -12.44
C THR A 129 10.61 -4.41 -12.29
N GLY A 130 11.38 -3.91 -13.27
CA GLY A 130 12.81 -4.08 -13.27
C GLY A 130 13.55 -3.37 -12.16
N TYR A 131 12.90 -2.40 -11.49
CA TYR A 131 13.51 -1.71 -10.37
C TYR A 131 13.44 -2.52 -9.08
N PHE A 132 12.54 -3.48 -8.98
CA PHE A 132 12.30 -4.14 -7.69
C PHE A 132 13.23 -5.31 -7.48
N ASP A 133 13.92 -5.32 -6.31
CA ASP A 133 14.73 -6.49 -5.95
C ASP A 133 13.88 -7.63 -5.47
N ALA A 134 12.67 -7.37 -4.93
CA ALA A 134 11.74 -8.38 -4.50
C ALA A 134 10.33 -7.83 -4.43
N ILE A 135 9.39 -8.73 -4.56
CA ILE A 135 7.96 -8.44 -4.36
C ILE A 135 7.47 -9.40 -3.29
N ALA A 136 7.05 -8.93 -2.12
CA ALA A 136 6.52 -9.87 -1.11
C ALA A 136 5.13 -10.28 -1.51
N ASP A 137 4.94 -11.60 -1.69
CA ASP A 137 3.62 -12.13 -2.06
C ASP A 137 2.63 -11.97 -0.90
N PRO A 138 1.56 -11.20 -1.09
CA PRO A 138 0.62 -10.98 0.04
C PRO A 138 -0.16 -12.22 0.39
N ALA A 139 -0.19 -13.26 -0.45
CA ALA A 139 -0.93 -14.47 -0.08
C ALA A 139 -0.07 -15.36 0.80
N GLU A 140 1.25 -15.13 0.90
CA GLU A 140 2.12 -16.02 1.67
C GLU A 140 2.08 -15.68 3.16
N VAL A 141 1.80 -14.44 3.52
CA VAL A 141 1.87 -14.10 4.97
C VAL A 141 0.65 -14.71 5.65
N ALA A 142 0.80 -15.03 6.93
CA ALA A 142 -0.35 -15.55 7.69
C ALA A 142 -1.26 -14.42 8.12
N ALA A 143 -0.74 -13.18 8.27
CA ALA A 143 -1.53 -12.07 8.79
C ALA A 143 -1.31 -10.84 7.91
N SER A 144 -2.38 -10.22 7.40
CA SER A 144 -2.30 -9.06 6.51
C SER A 144 -2.27 -7.75 7.28
N LYS A 145 -2.02 -6.61 6.60
CA LYS A 145 -2.00 -5.31 7.27
C LYS A 145 -3.30 -5.11 8.05
N PRO A 146 -3.30 -4.59 9.28
CA PRO A 146 -2.21 -3.98 9.94
C PRO A 146 -1.16 -4.78 10.62
N ALA A 147 -1.21 -6.13 10.48
CA ALA A 147 -0.10 -6.93 10.97
C ALA A 147 1.17 -6.63 10.19
N PRO A 148 2.33 -6.71 10.83
CA PRO A 148 3.59 -6.33 10.18
C PRO A 148 4.16 -7.35 9.20
N ASP A 149 3.57 -8.54 9.14
CA ASP A 149 4.18 -9.64 8.39
C ASP A 149 4.66 -9.28 6.97
N ILE A 150 3.85 -8.54 6.21
CA ILE A 150 4.25 -8.28 4.81
C ILE A 150 5.49 -7.42 4.72
N PHE A 151 5.68 -6.45 5.65
CA PHE A 151 6.89 -5.64 5.67
C PHE A 151 8.11 -6.44 6.13
N ILE A 152 7.90 -7.32 7.13
CA ILE A 152 8.95 -8.22 7.57
C ILE A 152 9.39 -9.13 6.41
N ALA A 153 8.42 -9.65 5.67
CA ALA A 153 8.74 -10.53 4.53
C ALA A 153 9.44 -9.75 3.40
N ALA A 154 9.04 -8.50 3.12
CA ALA A 154 9.65 -7.70 2.07
C ALA A 154 11.13 -7.47 2.42
N ALA A 155 11.40 -7.16 3.69
CA ALA A 155 12.79 -6.94 4.12
C ALA A 155 13.59 -8.22 4.01
N HIS A 156 13.02 -9.31 4.53
CA HIS A 156 13.71 -10.59 4.44
C HIS A 156 14.05 -10.96 3.01
N ALA A 157 13.12 -10.67 2.08
CA ALA A 157 13.33 -11.05 0.70
C ALA A 157 14.52 -10.33 0.03
N VAL A 158 14.94 -9.20 0.61
CA VAL A 158 16.13 -8.52 0.08
C VAL A 158 17.31 -8.57 1.05
N GLY A 159 17.21 -9.44 2.05
CA GLY A 159 18.31 -9.71 2.97
C GLY A 159 18.67 -8.56 3.89
N VAL A 160 17.69 -7.72 4.23
CA VAL A 160 17.87 -6.60 5.13
C VAL A 160 16.93 -6.70 6.31
N ALA A 161 17.48 -6.35 7.50
CA ALA A 161 16.65 -6.30 8.70
C ALA A 161 15.58 -5.22 8.58
N PRO A 162 14.36 -5.52 9.05
CA PRO A 162 13.37 -4.43 9.10
C PRO A 162 13.88 -3.14 9.79
N SER A 163 14.68 -3.28 10.86
CA SER A 163 15.22 -2.13 11.59
C SER A 163 16.16 -1.26 10.76
N GLU A 164 16.65 -1.81 9.64
CA GLU A 164 17.51 -1.03 8.73
C GLU A 164 16.77 -0.62 7.48
N SER A 165 15.45 -0.57 7.56
CA SER A 165 14.62 -0.23 6.42
C SER A 165 13.67 0.91 6.69
N ILE A 166 13.28 1.57 5.59
CA ILE A 166 12.21 2.58 5.59
C ILE A 166 11.00 2.02 4.88
N GLY A 167 9.83 2.22 5.42
CA GLY A 167 8.59 1.86 4.72
C GLY A 167 7.83 3.11 4.29
N LEU A 168 7.29 3.05 3.03
CA LEU A 168 6.49 4.17 2.50
C LEU A 168 5.04 3.71 2.37
N GLU A 169 4.12 4.49 2.92
CA GLU A 169 2.72 4.11 3.04
C GLU A 169 1.85 5.34 3.00
N ASP A 170 0.61 5.12 2.53
CA ASP A 170 -0.42 6.13 2.46
C ASP A 170 -1.57 5.82 3.41
N SER A 171 -1.52 4.77 4.23
CA SER A 171 -2.72 4.33 4.96
C SER A 171 -2.49 4.13 6.45
N GLN A 172 -3.59 4.23 7.22
CA GLN A 172 -3.51 3.97 8.66
C GLN A 172 -3.04 2.55 8.93
N ALA A 173 -3.65 1.58 8.24
CA ALA A 173 -3.33 0.18 8.50
C ALA A 173 -1.89 -0.11 8.13
N GLY A 174 -1.41 0.43 7.02
CA GLY A 174 -0.03 0.14 6.62
C GLY A 174 1.00 0.84 7.48
N ILE A 175 0.70 2.02 7.99
CA ILE A 175 1.61 2.72 8.94
C ILE A 175 1.75 1.87 10.18
N GLN A 176 0.64 1.31 10.70
CA GLN A 176 0.75 0.43 11.87
C GLN A 176 1.56 -0.81 11.56
N ALA A 177 1.42 -1.39 10.36
CA ALA A 177 2.17 -2.56 9.99
C ALA A 177 3.66 -2.23 9.93
N ILE A 178 4.01 -1.04 9.42
CA ILE A 178 5.41 -0.66 9.40
C ILE A 178 5.92 -0.51 10.84
N LYS A 179 5.20 0.25 11.68
CA LYS A 179 5.67 0.39 13.06
C LYS A 179 5.95 -0.95 13.72
N ASP A 180 5.04 -1.89 13.54
CA ASP A 180 5.20 -3.17 14.26
C ASP A 180 6.21 -4.06 13.62
N SER A 181 6.71 -3.72 12.42
CA SER A 181 7.77 -4.49 11.80
C SER A 181 9.15 -4.09 12.32
N GLY A 182 9.29 -2.89 12.86
CA GLY A 182 10.63 -2.39 13.19
C GLY A 182 11.17 -1.37 12.21
N ALA A 183 10.60 -1.30 10.98
CA ALA A 183 11.06 -0.34 9.97
C ALA A 183 10.57 1.05 10.34
N LEU A 184 11.17 2.07 9.72
CA LEU A 184 10.80 3.48 9.92
C LEU A 184 9.77 3.91 8.92
N PRO A 185 8.55 4.29 9.35
CA PRO A 185 7.56 4.72 8.36
C PRO A 185 7.74 6.19 7.99
N ILE A 186 7.49 6.50 6.71
CA ILE A 186 7.29 7.85 6.22
C ILE A 186 5.98 7.83 5.41
N GLY A 187 4.94 8.45 5.94
CA GLY A 187 3.64 8.39 5.30
C GLY A 187 3.47 9.49 4.27
N VAL A 188 2.51 9.29 3.38
CA VAL A 188 2.13 10.28 2.37
C VAL A 188 0.61 10.48 2.46
N GLY A 189 0.20 11.72 2.70
CA GLY A 189 -1.24 12.02 2.84
C GLY A 189 -1.44 13.17 3.79
N ARG A 190 -2.66 13.24 4.33
CA ARG A 190 -3.05 14.33 5.24
C ARG A 190 -2.73 13.98 6.69
N PRO A 191 -2.17 14.89 7.49
CA PRO A 191 -1.86 14.64 8.90
C PRO A 191 -3.10 14.21 9.69
N GLU A 192 -4.23 14.78 9.29
CA GLU A 192 -5.54 14.54 9.86
C GLU A 192 -5.97 13.08 9.72
N ASP A 193 -5.45 12.43 8.65
CA ASP A 193 -5.72 11.04 8.41
C ASP A 193 -4.65 10.11 9.01
N LEU A 194 -3.38 10.53 8.94
CA LEU A 194 -2.30 9.56 9.18
C LEU A 194 -1.55 9.77 10.49
N GLY A 195 -1.81 10.86 11.21
CA GLY A 195 -1.17 10.99 12.53
C GLY A 195 -0.14 12.10 12.59
N ASP A 196 0.15 12.56 13.78
CA ASP A 196 1.14 13.60 14.05
C ASP A 196 2.39 12.97 14.69
N ASP A 197 2.45 11.64 14.75
CA ASP A 197 3.56 11.05 15.51
C ASP A 197 4.68 10.51 14.65
N ILE A 198 4.46 10.41 13.34
CA ILE A 198 5.51 9.98 12.43
C ILE A 198 5.68 11.08 11.39
N VAL A 199 6.73 10.93 10.59
CA VAL A 199 6.91 11.88 9.48
C VAL A 199 5.90 11.60 8.38
N ILE A 200 5.16 12.66 8.00
CA ILE A 200 4.17 12.61 6.93
C ILE A 200 4.55 13.68 5.90
N VAL A 201 4.53 13.34 4.61
CA VAL A 201 4.71 14.27 3.51
C VAL A 201 3.39 14.45 2.77
N PRO A 202 3.13 15.62 2.18
CA PRO A 202 1.81 15.85 1.55
C PRO A 202 1.63 15.18 0.21
N ASP A 203 2.70 14.89 -0.52
CA ASP A 203 2.59 14.23 -1.83
C ASP A 203 3.92 13.53 -2.07
N THR A 204 3.95 12.66 -3.08
CA THR A 204 5.12 11.82 -3.27
C THR A 204 6.30 12.52 -3.88
N SER A 205 6.18 13.76 -4.35
CA SER A 205 7.37 14.46 -4.82
C SER A 205 8.39 14.60 -3.67
N HIS A 206 7.91 14.59 -2.44
CA HIS A 206 8.76 14.69 -1.26
C HIS A 206 9.59 13.46 -0.99
N TYR A 207 9.25 12.32 -1.62
CA TYR A 207 9.97 11.07 -1.47
C TYR A 207 11.17 11.12 -2.41
N THR A 208 12.20 11.84 -1.96
CA THR A 208 13.53 11.85 -2.58
C THR A 208 14.51 11.07 -1.69
N LEU A 209 15.51 10.47 -2.34
CA LEU A 209 16.55 9.85 -1.50
C LEU A 209 17.17 10.87 -0.55
N GLU A 210 17.32 12.11 -0.98
CA GLU A 210 17.84 13.16 -0.11
C GLU A 210 16.98 13.26 1.16
N PHE A 211 15.65 13.32 1.02
CA PHE A 211 14.76 13.46 2.14
C PHE A 211 14.73 12.21 3.02
N LEU A 212 14.73 11.05 2.41
CA LEU A 212 14.80 9.81 3.20
C LEU A 212 16.03 9.82 4.08
N LYS A 213 17.19 10.27 3.56
CA LYS A 213 18.40 10.42 4.37
C LYS A 213 18.22 11.47 5.47
N GLU A 214 17.63 12.63 5.14
CA GLU A 214 17.38 13.69 6.09
C GLU A 214 16.58 13.16 7.27
N VAL A 215 15.52 12.37 6.99
CA VAL A 215 14.65 11.84 8.05
C VAL A 215 15.38 10.77 8.83
N TRP A 216 16.08 9.88 8.13
CA TRP A 216 16.79 8.78 8.81
C TRP A 216 17.79 9.32 9.82
N LEU A 217 18.56 10.33 9.47
CA LEU A 217 19.53 10.96 10.32
C LEU A 217 18.91 11.64 11.52
N GLN A 218 17.68 12.11 11.49
CA GLN A 218 17.17 12.63 12.79
C GLN A 218 16.54 11.47 13.50
N LYS A 219 16.36 11.31 14.82
CA LYS A 219 16.03 9.92 15.22
C LYS A 219 15.39 9.14 14.10
N GLN A 220 15.50 7.81 14.00
CA GLN A 220 15.01 7.33 12.68
C GLN A 220 16.08 6.50 11.96
N LYS A 221 16.01 5.18 12.14
CA LYS A 221 15.62 4.58 13.41
C LYS A 221 16.95 4.14 14.04
C1 G16 B . -3.91 -2.64 -0.87
C2 G16 B . -5.00 -1.57 -1.03
C3 G16 B . -6.39 -2.03 -0.56
C4 G16 B . -6.75 -3.32 -1.26
C5 G16 B . -5.65 -4.36 -1.07
C6 G16 B . -5.88 -5.73 -1.73
O1 G16 B . -2.70 -2.22 -1.49
O2 G16 B . -4.60 -0.44 -0.27
O3 G16 B . -7.30 -0.95 -0.90
O4 G16 B . -7.99 -3.81 -0.75
O5 G16 B . -4.39 -3.84 -1.57
O6 G16 B . -5.94 -5.46 -3.17
P G16 B . -6.40 -6.59 -4.21
O1P G16 B . -5.99 -5.96 -5.51
O2P G16 B . -5.71 -7.88 -3.89
O3P G16 B . -7.88 -6.71 -4.10
P' G16 B . -1.15 -1.31 -0.74
O1X G16 B . -2.06 0.12 -0.79
O2X G16 B . -0.36 -1.39 -2.28
O3X G16 B . -1.13 -2.45 0.48
MG MG C . -1.69 2.08 0.03
#